data_6OCQ
#
_entry.id   6OCQ
#
_cell.length_a   47.297
_cell.length_b   95.117
_cell.length_c   127.240
_cell.angle_alpha   90.000
_cell.angle_beta   90.000
_cell.angle_gamma   90.000
#
_symmetry.space_group_name_H-M   'P 21 21 21'
#
loop_
_entity.id
_entity.type
_entity.pdbx_description
1 polymer 'Receptor-interacting serine/threonine-protein kinase 1'
2 non-polymer 1-[(2S)-2-(3-fluorophenyl)pyrrolidin-1-yl]-2,2-dimethylpropan-1-one
3 non-polymer 'SULFATE ION'
4 water water
#
_entity_poly.entity_id   1
_entity_poly.type   'polypeptide(L)'
_entity_poly.pdbx_seq_one_letter_code
;MDYKDDDDKMQPDMSLNVIKMKSSDFLESAELDSGGFGKVSLAFHRTQGLMIMKTVYKGPNCIEHNEALLEEAKMMNRLR
HSRVVKLLGVIIEEGKYSLVMEYMEKGNLMHVLKAEMSTPLSVKGRIILEIIEGMAYLHGKGVIHKDLKPENILVDNDFH
IKIADLGLASFKMWSKLNNEEHNELREVDGTAKKNGGTLYYMAPEHLNDVNAKPTEKSDVYSFAVVLWAIFANKEPYENA
IAEQQLIMAIKSGNRPDVDDITEYCPREIISLMKLCWEANPEARPTFPGIEEKFRPFYLSQLE
;
_entity_poly.pdbx_strand_id   A,B
#
# COMPACT_ATOMS: atom_id res chain seq x y z
N ASN A 17 -9.45 19.16 -8.96
CA ASN A 17 -10.00 17.85 -8.59
C ASN A 17 -11.51 17.83 -8.69
N VAL A 18 -12.02 18.67 -9.58
CA VAL A 18 -13.40 18.60 -10.04
C VAL A 18 -13.43 17.63 -11.22
N ILE A 19 -14.26 16.58 -11.14
CA ILE A 19 -14.44 15.66 -12.26
C ILE A 19 -15.94 15.53 -12.55
N LYS A 20 -16.47 16.44 -13.35
CA LYS A 20 -17.83 16.37 -13.87
C LYS A 20 -17.77 15.80 -15.28
N MET A 21 -18.87 15.19 -15.71
CA MET A 21 -18.92 14.56 -17.03
C MET A 21 -20.35 14.72 -17.55
N LYS A 22 -20.50 14.74 -18.86
CA LYS A 22 -21.82 14.89 -19.44
C LYS A 22 -22.38 13.54 -19.86
N SER A 23 -23.70 13.41 -19.79
CA SER A 23 -24.39 12.19 -20.21
C SER A 23 -23.99 11.78 -21.64
N SER A 24 -23.70 12.76 -22.51
CA SER A 24 -23.41 12.54 -23.92
C SER A 24 -21.94 12.27 -24.20
N ASP A 25 -21.08 12.26 -23.16
CA ASP A 25 -19.76 11.66 -23.23
C ASP A 25 -19.81 10.14 -23.39
N PHE A 26 -20.98 9.53 -23.19
CA PHE A 26 -21.08 8.10 -22.90
C PHE A 26 -22.08 7.47 -23.85
N LEU A 27 -21.66 6.39 -24.52
CA LEU A 27 -22.57 5.47 -25.17
C LEU A 27 -22.86 4.33 -24.20
N GLU A 28 -24.13 4.11 -23.87
CA GLU A 28 -24.50 3.18 -22.82
C GLU A 28 -24.54 1.73 -23.31
N SER A 29 -25.01 0.85 -22.42
CA SER A 29 -25.21 -0.59 -22.51
C SER A 29 -25.73 -1.04 -21.15
N ALA A 30 -26.42 -2.19 -21.10
CA ALA A 30 -27.23 -2.54 -19.92
C ALA A 30 -26.59 -3.67 -19.10
N GLU A 31 -26.61 -3.49 -17.78
CA GLU A 31 -26.08 -4.46 -16.81
C GLU A 31 -26.63 -4.16 -15.43
N GLY A 38 -28.54 -0.05 -7.94
CA GLY A 38 -29.02 0.93 -8.89
C GLY A 38 -28.85 0.51 -10.34
N LYS A 39 -29.17 1.44 -11.27
CA LYS A 39 -29.18 1.19 -12.71
C LYS A 39 -27.75 1.20 -13.25
N VAL A 40 -27.02 0.13 -12.92
CA VAL A 40 -25.65 -0.01 -13.36
C VAL A 40 -25.61 -0.25 -14.87
N SER A 41 -24.69 0.44 -15.54
CA SER A 41 -24.64 0.53 -16.99
C SER A 41 -23.19 0.51 -17.48
N LEU A 42 -22.92 -0.31 -18.49
CA LEU A 42 -21.61 -0.39 -19.17
C LEU A 42 -21.50 0.73 -20.19
N ALA A 43 -20.57 1.66 -20.00
CA ALA A 43 -20.58 2.91 -20.77
C ALA A 43 -19.22 3.26 -21.35
N PHE A 44 -19.19 3.57 -22.64
CA PHE A 44 -17.96 3.98 -23.29
C PHE A 44 -17.91 5.49 -23.25
N HIS A 45 -17.02 6.01 -22.43
CA HIS A 45 -16.70 7.42 -22.52
C HIS A 45 -15.99 7.67 -23.84
N ARG A 46 -16.49 8.63 -24.63
CA ARG A 46 -15.96 8.84 -25.97
C ARG A 46 -14.47 9.15 -26.00
N THR A 47 -13.86 9.53 -24.86
CA THR A 47 -12.44 9.87 -24.83
C THR A 47 -11.59 8.88 -24.04
N GLN A 48 -12.07 8.40 -22.89
CA GLN A 48 -11.25 7.54 -22.03
C GLN A 48 -11.73 6.10 -21.98
N GLY A 49 -12.89 5.79 -22.54
CA GLY A 49 -13.16 4.39 -22.80
C GLY A 49 -14.17 3.71 -21.92
N LEU A 50 -13.93 2.43 -21.67
CA LEU A 50 -14.95 1.59 -21.10
C LEU A 50 -14.99 1.81 -19.59
N MET A 51 -16.18 2.07 -19.06
CA MET A 51 -16.36 2.40 -17.66
C MET A 51 -17.64 1.76 -17.20
N ILE A 52 -17.90 1.90 -15.92
CA ILE A 52 -19.18 1.51 -15.36
C ILE A 52 -19.84 2.76 -14.81
N MET A 53 -21.14 2.87 -15.02
CA MET A 53 -21.87 4.06 -14.69
C MET A 53 -22.99 3.67 -13.75
N LYS A 54 -22.91 4.12 -12.50
CA LYS A 54 -24.03 3.97 -11.58
C LYS A 54 -24.83 5.25 -11.71
N THR A 55 -25.90 5.18 -12.50
CA THR A 55 -26.93 6.21 -12.49
C THR A 55 -27.78 5.99 -11.24
N VAL A 56 -27.68 6.92 -10.29
CA VAL A 56 -28.42 6.79 -9.04
C VAL A 56 -29.83 7.38 -9.13
N TYR A 57 -30.12 8.19 -10.15
CA TYR A 57 -31.40 8.88 -10.21
C TYR A 57 -31.64 9.43 -11.62
N LYS A 58 -32.80 9.09 -12.19
CA LYS A 58 -33.34 9.73 -13.39
C LYS A 58 -34.77 10.14 -13.07
N GLY A 59 -35.00 11.45 -12.92
CA GLY A 59 -36.28 11.99 -12.51
C GLY A 59 -36.32 13.52 -12.52
N PRO A 60 -37.26 14.12 -11.78
CA PRO A 60 -37.33 15.59 -11.74
C PRO A 60 -36.05 16.22 -11.18
N ASN A 61 -35.60 17.29 -11.85
CA ASN A 61 -34.57 18.16 -11.30
C ASN A 61 -34.86 18.46 -9.83
N CYS A 62 -33.86 18.19 -8.99
CA CYS A 62 -34.03 18.32 -7.54
C CYS A 62 -32.77 18.94 -6.92
N ILE A 63 -32.28 20.03 -7.53
CA ILE A 63 -30.96 20.62 -7.29
C ILE A 63 -30.85 21.11 -5.84
N GLU A 64 -31.90 20.89 -5.04
CA GLU A 64 -31.84 21.13 -3.60
C GLU A 64 -30.68 20.44 -2.90
N HIS A 65 -30.10 19.39 -3.48
CA HIS A 65 -29.08 18.60 -2.78
C HIS A 65 -27.66 18.73 -3.34
N ASN A 66 -27.48 19.24 -4.57
CA ASN A 66 -26.18 19.14 -5.27
C ASN A 66 -24.99 19.61 -4.44
N GLU A 67 -25.14 20.71 -3.71
CA GLU A 67 -24.14 21.12 -2.72
C GLU A 67 -23.64 19.92 -1.92
N ALA A 68 -24.56 19.03 -1.54
CA ALA A 68 -24.22 17.88 -0.71
C ALA A 68 -23.75 16.67 -1.54
N LEU A 69 -24.39 16.37 -2.67
CA LEU A 69 -23.94 15.23 -3.47
C LEU A 69 -22.55 15.48 -4.04
N LEU A 70 -22.29 16.70 -4.52
CA LEU A 70 -20.92 17.07 -4.90
C LEU A 70 -19.97 16.98 -3.70
N GLU A 71 -20.49 17.18 -2.49
CA GLU A 71 -19.62 17.12 -1.31
C GLU A 71 -19.23 15.69 -1.00
N GLU A 72 -20.18 14.75 -1.05
CA GLU A 72 -19.86 13.34 -0.88
C GLU A 72 -18.90 12.86 -1.97
N ALA A 73 -19.22 13.16 -3.24
CA ALA A 73 -18.32 12.82 -4.34
C ALA A 73 -16.91 13.36 -4.09
N LYS A 74 -16.80 14.53 -3.48
CA LYS A 74 -15.48 15.01 -3.15
C LYS A 74 -14.78 14.06 -2.19
N MET A 75 -15.48 13.60 -1.16
CA MET A 75 -14.80 12.76 -0.19
C MET A 75 -14.48 11.37 -0.74
N MET A 76 -15.16 10.91 -1.79
CA MET A 76 -14.78 9.61 -2.35
C MET A 76 -13.76 9.72 -3.46
N ASN A 77 -13.63 10.87 -4.11
CA ASN A 77 -12.47 11.11 -4.95
C ASN A 77 -11.18 10.99 -4.15
N ARG A 78 -11.23 11.21 -2.83
CA ARG A 78 -10.09 11.08 -1.94
C ARG A 78 -9.59 9.64 -1.82
N LEU A 79 -10.29 8.66 -2.35
CA LEU A 79 -9.97 7.26 -2.12
C LEU A 79 -9.31 6.68 -3.36
N ARG A 80 -7.97 6.69 -3.38
CA ARG A 80 -7.21 6.15 -4.52
C ARG A 80 -6.20 5.10 -4.03
N HIS A 81 -6.42 3.84 -4.43
CA HIS A 81 -5.58 2.70 -4.04
C HIS A 81 -5.80 1.58 -5.03
N SER A 82 -4.74 0.83 -5.31
CA SER A 82 -4.83 -0.21 -6.34
C SER A 82 -5.89 -1.24 -6.04
N ARG A 83 -6.28 -1.39 -4.78
CA ARG A 83 -7.26 -2.40 -4.40
C ARG A 83 -8.61 -1.79 -4.03
N VAL A 84 -8.82 -0.50 -4.33
CA VAL A 84 -10.13 0.12 -4.22
C VAL A 84 -10.60 0.47 -5.62
N VAL A 85 -11.91 0.36 -5.85
CA VAL A 85 -12.52 0.83 -7.09
C VAL A 85 -12.42 2.35 -7.19
N LYS A 86 -11.91 2.85 -8.32
CA LYS A 86 -11.70 4.28 -8.49
C LYS A 86 -12.97 4.95 -8.97
N LEU A 87 -13.32 6.06 -8.31
CA LEU A 87 -14.33 6.97 -8.86
C LEU A 87 -13.68 7.81 -9.96
N LEU A 88 -14.07 7.56 -11.22
CA LEU A 88 -13.45 8.24 -12.36
C LEU A 88 -14.14 9.53 -12.74
N GLY A 89 -15.36 9.75 -12.24
CA GLY A 89 -16.08 10.98 -12.54
C GLY A 89 -17.53 10.93 -12.13
N VAL A 90 -18.16 12.08 -12.01
CA VAL A 90 -19.56 12.19 -11.61
C VAL A 90 -20.33 12.91 -12.72
N ILE A 91 -21.62 12.62 -12.80
CA ILE A 91 -22.56 13.33 -13.66
C ILE A 91 -23.66 13.94 -12.79
N ILE A 92 -23.67 15.26 -12.65
CA ILE A 92 -24.79 15.97 -12.01
C ILE A 92 -25.41 16.89 -13.05
N GLU A 93 -26.59 16.52 -13.53
CA GLU A 93 -27.31 17.30 -14.51
C GLU A 93 -28.79 17.25 -14.14
N GLU A 94 -29.52 18.32 -14.48
CA GLU A 94 -30.95 18.34 -14.19
C GLU A 94 -31.60 17.09 -14.78
N GLY A 95 -32.05 16.17 -13.93
CA GLY A 95 -32.73 14.97 -14.38
C GLY A 95 -31.94 13.68 -14.39
N LYS A 96 -30.62 13.71 -14.17
CA LYS A 96 -29.83 12.48 -14.18
C LYS A 96 -28.56 12.69 -13.38
N TYR A 97 -28.32 11.83 -12.40
CA TYR A 97 -27.16 11.91 -11.51
C TYR A 97 -26.42 10.58 -11.53
N SER A 98 -25.12 10.60 -11.79
CA SER A 98 -24.40 9.34 -11.97
C SER A 98 -23.02 9.39 -11.35
N LEU A 99 -22.61 8.25 -10.82
CA LEU A 99 -21.21 7.97 -10.49
C LEU A 99 -20.66 7.03 -11.57
N VAL A 100 -19.41 7.28 -11.98
CA VAL A 100 -18.73 6.50 -13.03
C VAL A 100 -17.50 5.82 -12.43
N MET A 101 -17.45 4.48 -12.54
CA MET A 101 -16.41 3.66 -11.93
C MET A 101 -15.60 2.95 -12.99
N GLU A 102 -14.41 2.50 -12.60
CA GLU A 102 -13.66 1.67 -13.52
C GLU A 102 -14.34 0.30 -13.67
N TYR A 103 -14.10 -0.31 -14.83
CA TYR A 103 -14.63 -1.61 -15.21
C TYR A 103 -13.82 -2.71 -14.51
N MET A 104 -14.48 -3.83 -14.24
CA MET A 104 -13.83 -5.01 -13.68
C MET A 104 -14.35 -6.23 -14.45
N GLU A 105 -13.51 -6.70 -15.40
CA GLU A 105 -13.86 -7.72 -16.40
C GLU A 105 -14.71 -8.88 -15.90
N LYS A 106 -14.31 -9.51 -14.79
CA LYS A 106 -14.88 -10.79 -14.39
C LYS A 106 -16.03 -10.67 -13.40
N GLY A 107 -16.26 -9.49 -12.83
CA GLY A 107 -17.43 -9.33 -12.01
C GLY A 107 -17.17 -9.40 -10.51
N ASN A 108 -18.15 -9.80 -9.72
CA ASN A 108 -17.91 -9.81 -8.29
C ASN A 108 -17.29 -11.14 -7.87
N LEU A 109 -16.85 -11.18 -6.61
CA LEU A 109 -16.07 -12.31 -6.15
C LEU A 109 -16.88 -13.59 -6.14
N MET A 110 -18.16 -13.50 -5.72
CA MET A 110 -18.95 -14.73 -5.70
C MET A 110 -19.08 -15.31 -7.10
N HIS A 111 -19.30 -14.44 -8.11
CA HIS A 111 -19.46 -14.89 -9.48
C HIS A 111 -18.27 -15.71 -9.93
N VAL A 112 -17.07 -15.19 -9.67
CA VAL A 112 -15.84 -15.93 -9.94
C VAL A 112 -15.83 -17.26 -9.18
N LEU A 113 -15.96 -17.21 -7.85
CA LEU A 113 -15.87 -18.41 -7.03
C LEU A 113 -16.80 -19.52 -7.49
N LYS A 114 -17.92 -19.15 -8.11
CA LYS A 114 -18.93 -20.11 -8.51
C LYS A 114 -18.79 -20.55 -9.96
N ALA A 115 -17.94 -19.91 -10.76
CA ALA A 115 -17.68 -20.37 -12.11
C ALA A 115 -17.09 -21.80 -12.07
N GLU A 116 -17.22 -22.51 -13.20
CA GLU A 116 -16.92 -23.95 -13.22
C GLU A 116 -15.42 -24.24 -13.05
N MET A 117 -14.56 -23.49 -13.74
CA MET A 117 -13.10 -23.63 -13.61
C MET A 117 -12.66 -22.97 -12.30
N SER A 118 -12.63 -23.77 -11.23
CA SER A 118 -12.29 -23.18 -9.95
C SER A 118 -10.78 -22.97 -9.82
N THR A 119 -10.41 -22.29 -8.73
CA THR A 119 -9.19 -21.52 -8.65
C THR A 119 -8.25 -22.09 -7.59
N PRO A 120 -6.96 -22.12 -7.87
CA PRO A 120 -6.01 -22.74 -6.93
C PRO A 120 -5.97 -22.02 -5.59
N LEU A 121 -5.62 -22.79 -4.56
CA LEU A 121 -5.41 -22.23 -3.25
C LEU A 121 -4.53 -20.98 -3.28
N SER A 122 -3.57 -20.93 -4.19
CA SER A 122 -2.60 -19.82 -4.18
C SER A 122 -3.18 -18.54 -4.78
N VAL A 123 -4.11 -18.67 -5.73
CA VAL A 123 -4.84 -17.49 -6.19
C VAL A 123 -5.78 -16.98 -5.11
N LYS A 124 -6.48 -17.90 -4.45
CA LYS A 124 -7.26 -17.53 -3.28
C LYS A 124 -6.38 -16.84 -2.24
N GLY A 125 -5.15 -17.32 -2.07
CA GLY A 125 -4.24 -16.64 -1.17
C GLY A 125 -4.05 -15.17 -1.50
N ARG A 126 -3.81 -14.88 -2.78
CA ARG A 126 -3.53 -13.51 -3.18
C ARG A 126 -4.77 -12.64 -3.07
N ILE A 127 -5.93 -13.17 -3.50
CA ILE A 127 -7.18 -12.46 -3.35
C ILE A 127 -7.39 -12.03 -1.92
N ILE A 128 -7.07 -12.92 -0.96
CA ILE A 128 -7.22 -12.57 0.43
C ILE A 128 -6.26 -11.46 0.80
N LEU A 129 -4.98 -11.62 0.45
CA LEU A 129 -3.98 -10.59 0.78
C LEU A 129 -4.37 -9.25 0.16
N GLU A 130 -4.95 -9.29 -1.04
CA GLU A 130 -5.31 -8.02 -1.66
C GLU A 130 -6.51 -7.39 -0.96
N ILE A 131 -7.47 -8.20 -0.51
CA ILE A 131 -8.56 -7.68 0.32
C ILE A 131 -8.00 -7.11 1.62
N ILE A 132 -7.05 -7.81 2.24
CA ILE A 132 -6.43 -7.28 3.46
C ILE A 132 -5.80 -5.92 3.19
N GLU A 133 -5.08 -5.78 2.06
CA GLU A 133 -4.43 -4.51 1.72
C GLU A 133 -5.46 -3.39 1.56
N GLY A 134 -6.49 -3.63 0.74
CA GLY A 134 -7.50 -2.61 0.50
C GLY A 134 -8.19 -2.14 1.77
N MET A 135 -8.46 -3.07 2.69
CA MET A 135 -9.10 -2.67 3.95
C MET A 135 -8.16 -1.85 4.81
N ALA A 136 -6.88 -2.24 4.89
CA ALA A 136 -5.92 -1.45 5.64
C ALA A 136 -5.76 -0.05 5.07
N TYR A 137 -5.93 0.10 3.76
CA TYR A 137 -5.92 1.44 3.19
C TYR A 137 -7.15 2.25 3.63
N LEU A 138 -8.33 1.63 3.59
CA LEU A 138 -9.54 2.35 3.91
C LEU A 138 -9.58 2.75 5.38
N HIS A 139 -9.23 1.84 6.29
CA HIS A 139 -9.18 2.24 7.70
C HIS A 139 -8.11 3.27 7.96
N GLY A 140 -7.09 3.33 7.10
CA GLY A 140 -6.11 4.39 7.21
C GLY A 140 -6.74 5.74 6.94
N LYS A 141 -7.62 5.79 5.95
CA LYS A 141 -8.33 7.02 5.59
C LYS A 141 -9.51 7.30 6.51
N GLY A 142 -9.66 6.56 7.60
CA GLY A 142 -10.81 6.70 8.46
C GLY A 142 -12.12 6.20 7.90
N VAL A 143 -12.12 5.59 6.71
CA VAL A 143 -13.36 5.09 6.13
C VAL A 143 -13.65 3.71 6.71
N ILE A 144 -14.78 3.57 7.37
CA ILE A 144 -15.27 2.24 7.76
C ILE A 144 -16.19 1.77 6.66
N HIS A 145 -15.96 0.54 6.17
CA HIS A 145 -16.66 0.10 4.97
C HIS A 145 -18.13 -0.17 5.24
N LYS A 146 -18.42 -0.86 6.33
CA LYS A 146 -19.76 -1.10 6.86
C LYS A 146 -20.52 -2.14 6.04
N ASP A 147 -20.07 -2.50 4.84
CA ASP A 147 -20.81 -3.45 4.01
C ASP A 147 -19.86 -4.36 3.22
N LEU A 148 -18.82 -4.86 3.86
CA LEU A 148 -17.88 -5.74 3.19
C LEU A 148 -18.50 -7.12 3.02
N LYS A 149 -18.56 -7.59 1.77
CA LYS A 149 -19.17 -8.87 1.43
C LYS A 149 -18.80 -9.19 -0.03
N PRO A 150 -18.88 -10.47 -0.43
CA PRO A 150 -18.34 -10.85 -1.75
C PRO A 150 -18.91 -10.08 -2.93
N GLU A 151 -20.12 -9.53 -2.82
CA GLU A 151 -20.72 -8.78 -3.92
C GLU A 151 -20.04 -7.42 -4.13
N ASN A 152 -19.44 -6.86 -3.09
CA ASN A 152 -18.64 -5.64 -3.13
C ASN A 152 -17.15 -5.87 -3.47
N ILE A 153 -16.74 -7.09 -3.80
CA ILE A 153 -15.35 -7.36 -4.14
C ILE A 153 -15.30 -7.73 -5.62
N LEU A 154 -14.68 -6.87 -6.43
CA LEU A 154 -14.72 -7.06 -7.87
C LEU A 154 -13.38 -7.50 -8.43
N VAL A 155 -13.46 -8.29 -9.50
CA VAL A 155 -12.36 -9.09 -10.01
C VAL A 155 -12.18 -8.80 -11.50
N ASP A 156 -10.94 -8.45 -11.90
CA ASP A 156 -10.57 -8.18 -13.30
C ASP A 156 -10.06 -9.47 -13.97
N ASN A 157 -9.40 -9.32 -15.13
CA ASN A 157 -9.01 -10.49 -15.95
C ASN A 157 -7.91 -11.33 -15.32
N ASP A 158 -7.04 -10.74 -14.50
CA ASP A 158 -5.92 -11.44 -13.90
C ASP A 158 -6.20 -11.92 -12.47
N PHE A 159 -7.48 -11.87 -12.04
CA PHE A 159 -7.94 -12.27 -10.70
C PHE A 159 -7.40 -11.34 -9.61
N HIS A 160 -7.24 -10.07 -9.95
CA HIS A 160 -6.96 -9.03 -8.97
C HIS A 160 -8.26 -8.37 -8.55
N ILE A 161 -8.38 -8.06 -7.26
CA ILE A 161 -9.64 -7.61 -6.73
C ILE A 161 -9.50 -6.14 -6.39
N LYS A 162 -10.63 -5.45 -6.47
CA LYS A 162 -10.78 -4.11 -5.92
C LYS A 162 -12.02 -4.11 -5.05
N ILE A 163 -11.98 -3.35 -3.96
CA ILE A 163 -13.12 -3.24 -3.06
C ILE A 163 -14.01 -2.11 -3.53
N ALA A 164 -15.31 -2.33 -3.49
CA ALA A 164 -16.29 -1.31 -3.84
C ALA A 164 -17.31 -1.18 -2.72
N ASP A 165 -18.04 -0.07 -2.72
CA ASP A 165 -19.17 0.12 -1.81
C ASP A 165 -20.41 0.41 -2.65
N LEU A 166 -21.01 -0.66 -3.19
CA LEU A 166 -22.04 -0.49 -4.20
C LEU A 166 -23.39 -0.13 -3.60
N GLY A 167 -23.65 -0.51 -2.36
CA GLY A 167 -24.84 -0.05 -1.67
C GLY A 167 -24.75 1.37 -1.17
N LEU A 168 -23.62 2.04 -1.39
CA LEU A 168 -23.42 3.43 -0.99
C LEU A 168 -23.58 3.58 0.53
N ALA A 169 -22.95 2.68 1.27
CA ALA A 169 -23.10 2.64 2.72
C ALA A 169 -22.35 3.75 3.44
N SER A 170 -21.32 4.35 2.82
CA SER A 170 -20.60 5.44 3.44
C SER A 170 -21.05 6.80 2.94
N PHE A 171 -22.05 6.83 2.05
CA PHE A 171 -22.42 8.05 1.33
C PHE A 171 -23.94 8.26 1.42
N LYS A 172 -24.36 8.97 2.48
CA LYS A 172 -25.78 8.99 2.83
C LYS A 172 -26.60 9.66 1.75
N MET A 173 -26.09 10.77 1.19
CA MET A 173 -26.87 11.54 0.22
C MET A 173 -27.11 10.76 -1.05
N TRP A 174 -26.05 10.22 -1.66
CA TRP A 174 -26.20 9.36 -2.82
C TRP A 174 -27.06 8.13 -2.50
N SER A 175 -26.86 7.53 -1.33
CA SER A 175 -27.60 6.33 -0.97
C SER A 175 -29.10 6.60 -0.91
N LYS A 176 -29.50 7.75 -0.36
CA LYS A 176 -30.92 8.04 -0.20
C LYS A 176 -31.61 8.15 -1.57
N LEU A 177 -30.98 8.86 -2.52
CA LEU A 177 -31.52 8.95 -3.88
C LEU A 177 -31.83 7.57 -4.47
N ASN A 178 -30.90 6.63 -4.35
CA ASN A 178 -31.03 5.25 -4.87
C ASN A 178 -32.28 4.54 -4.35
N THR A 198 -28.43 -9.14 3.35
CA THR A 198 -27.05 -9.65 3.42
C THR A 198 -26.49 -9.66 4.84
N LEU A 199 -27.36 -10.04 5.79
CA LEU A 199 -26.99 -10.11 7.19
C LEU A 199 -25.85 -11.12 7.43
N TYR A 200 -25.48 -11.88 6.39
CA TYR A 200 -24.48 -12.94 6.53
C TYR A 200 -23.13 -12.41 6.96
N TYR A 201 -22.78 -11.20 6.56
CA TYR A 201 -21.45 -10.69 6.82
C TYR A 201 -21.45 -9.62 7.89
N MET A 202 -22.59 -9.38 8.53
CA MET A 202 -22.73 -8.28 9.46
C MET A 202 -22.25 -8.70 10.85
N ALA A 203 -21.34 -7.89 11.40
CA ALA A 203 -20.92 -8.09 12.79
C ALA A 203 -22.16 -8.20 13.66
N PRO A 204 -22.18 -9.12 14.64
CA PRO A 204 -23.42 -9.34 15.41
C PRO A 204 -23.83 -8.12 16.24
N GLU A 205 -22.86 -7.39 16.81
CA GLU A 205 -23.21 -6.19 17.57
C GLU A 205 -24.01 -5.18 16.76
N HIS A 206 -24.04 -5.30 15.43
CA HIS A 206 -24.98 -4.57 14.60
C HIS A 206 -26.23 -5.38 14.25
N LEU A 207 -26.27 -6.66 14.59
CA LEU A 207 -27.49 -7.43 14.42
C LEU A 207 -28.43 -7.10 15.57
N ASN A 208 -29.70 -6.82 15.22
CA ASN A 208 -30.69 -6.28 16.14
C ASN A 208 -30.18 -5.07 16.95
N ASP A 209 -29.16 -4.36 16.48
CA ASP A 209 -28.85 -3.02 17.01
C ASP A 209 -28.39 -2.15 15.86
N VAL A 210 -29.23 -1.19 15.46
CA VAL A 210 -28.90 -0.31 14.35
C VAL A 210 -28.27 1.00 14.77
N ASN A 211 -28.30 1.34 16.06
CA ASN A 211 -27.79 2.63 16.48
C ASN A 211 -26.33 2.60 16.86
N ALA A 212 -25.81 1.42 17.16
CA ALA A 212 -24.38 1.24 17.38
C ALA A 212 -23.56 1.73 16.17
N LYS A 213 -22.61 2.64 16.42
CA LYS A 213 -21.73 3.12 15.36
C LYS A 213 -20.79 1.99 14.94
N PRO A 214 -20.60 1.76 13.65
CA PRO A 214 -19.66 0.71 13.23
C PRO A 214 -18.23 1.11 13.54
N THR A 215 -17.39 0.11 13.79
CA THR A 215 -15.97 0.28 14.06
C THR A 215 -15.15 -0.49 13.02
N GLU A 216 -13.82 -0.35 13.13
CA GLU A 216 -12.94 -1.16 12.30
C GLU A 216 -13.22 -2.65 12.53
N LYS A 217 -13.45 -3.03 13.80
CA LYS A 217 -13.77 -4.43 14.12
C LYS A 217 -15.05 -4.91 13.48
N SER A 218 -15.99 -4.00 13.16
CA SER A 218 -17.14 -4.40 12.38
C SER A 218 -16.72 -5.04 11.06
N ASP A 219 -15.77 -4.42 10.36
CA ASP A 219 -15.34 -4.93 9.06
C ASP A 219 -14.53 -6.21 9.18
N VAL A 220 -13.80 -6.36 10.30
CA VAL A 220 -12.96 -7.55 10.46
C VAL A 220 -13.83 -8.79 10.58
N TYR A 221 -15.00 -8.65 11.20
CA TYR A 221 -15.93 -9.78 11.23
C TYR A 221 -16.35 -10.16 9.82
N SER A 222 -16.62 -9.15 9.00
CA SER A 222 -17.08 -9.40 7.65
C SER A 222 -15.99 -10.05 6.83
N PHE A 223 -14.75 -9.60 7.02
CA PHE A 223 -13.63 -10.29 6.41
C PHE A 223 -13.61 -11.77 6.81
N ALA A 224 -13.92 -12.08 8.07
CA ALA A 224 -13.92 -13.47 8.51
C ALA A 224 -14.89 -14.31 7.70
N VAL A 225 -16.09 -13.80 7.43
CA VAL A 225 -17.03 -14.64 6.70
C VAL A 225 -16.68 -14.66 5.21
N VAL A 226 -16.08 -13.58 4.70
CA VAL A 226 -15.57 -13.62 3.34
C VAL A 226 -14.50 -14.70 3.21
N LEU A 227 -13.57 -14.82 4.17
CA LEU A 227 -12.64 -15.95 4.13
C LEU A 227 -13.40 -17.25 3.95
N TRP A 228 -14.47 -17.41 4.72
CA TRP A 228 -15.26 -18.63 4.62
C TRP A 228 -15.84 -18.81 3.23
N ALA A 229 -16.54 -17.78 2.72
CA ALA A 229 -17.16 -17.90 1.40
C ALA A 229 -16.13 -18.24 0.32
N ILE A 230 -14.91 -17.70 0.46
CA ILE A 230 -13.87 -17.95 -0.54
C ILE A 230 -13.50 -19.43 -0.58
N PHE A 231 -13.44 -20.08 0.58
CA PHE A 231 -13.11 -21.49 0.59
C PHE A 231 -14.32 -22.41 0.45
N ALA A 232 -15.48 -21.96 0.87
CA ALA A 232 -16.66 -22.76 0.62
C ALA A 232 -17.15 -22.66 -0.81
N ASN A 233 -16.73 -21.62 -1.54
CA ASN A 233 -17.26 -21.31 -2.87
C ASN A 233 -18.77 -21.17 -2.84
N LYS A 234 -19.30 -20.61 -1.74
CA LYS A 234 -20.74 -20.39 -1.65
C LYS A 234 -21.03 -19.42 -0.51
N GLU A 235 -22.23 -18.83 -0.56
CA GLU A 235 -22.72 -18.01 0.55
C GLU A 235 -22.97 -18.88 1.79
N PRO A 236 -22.70 -18.35 2.97
CA PRO A 236 -22.87 -19.13 4.20
C PRO A 236 -24.33 -19.31 4.60
N TYR A 237 -24.51 -20.10 5.66
CA TYR A 237 -25.82 -20.35 6.25
C TYR A 237 -26.81 -20.74 5.15
N GLU A 238 -26.36 -21.67 4.29
CA GLU A 238 -27.22 -22.17 3.22
C GLU A 238 -28.46 -22.85 3.79
N ASN A 239 -28.30 -23.61 4.89
CA ASN A 239 -29.40 -24.31 5.58
C ASN A 239 -29.83 -23.51 6.83
N ALA A 240 -30.70 -22.52 6.62
CA ALA A 240 -31.21 -21.67 7.70
C ALA A 240 -32.73 -21.59 7.56
N ILE A 241 -33.42 -21.52 8.69
CA ILE A 241 -34.87 -21.52 8.63
C ILE A 241 -35.37 -20.11 8.31
N ALA A 242 -35.14 -19.18 9.22
CA ALA A 242 -35.67 -17.82 9.11
C ALA A 242 -34.63 -16.83 9.58
N GLU A 243 -34.69 -15.63 8.99
CA GLU A 243 -33.69 -14.61 9.28
C GLU A 243 -33.89 -13.98 10.65
N GLN A 244 -35.09 -14.10 11.23
CA GLN A 244 -35.20 -13.81 12.66
C GLN A 244 -34.61 -14.93 13.53
N GLN A 245 -34.96 -16.19 13.22
CA GLN A 245 -34.26 -17.31 13.84
C GLN A 245 -32.76 -17.20 13.67
N LEU A 246 -32.33 -16.95 12.43
CA LEU A 246 -30.92 -16.93 12.10
C LEU A 246 -30.17 -15.86 12.87
N ILE A 247 -30.69 -14.63 12.89
CA ILE A 247 -30.00 -13.54 13.59
C ILE A 247 -29.75 -13.92 15.05
N MET A 248 -30.74 -14.51 15.72
CA MET A 248 -30.56 -14.91 17.11
C MET A 248 -29.46 -15.95 17.24
N ALA A 249 -29.38 -16.86 16.27
CA ALA A 249 -28.27 -17.82 16.24
C ALA A 249 -26.91 -17.12 16.15
N ILE A 250 -26.72 -16.20 15.18
CA ILE A 250 -25.43 -15.53 15.07
C ILE A 250 -25.08 -14.79 16.38
N LYS A 251 -26.06 -14.09 16.97
CA LYS A 251 -25.75 -13.33 18.19
C LYS A 251 -25.27 -14.26 19.30
N SER A 252 -25.85 -15.45 19.38
CA SER A 252 -25.44 -16.44 20.37
C SER A 252 -24.16 -17.17 19.98
N GLY A 253 -23.41 -16.69 19.00
CA GLY A 253 -22.12 -17.27 18.68
C GLY A 253 -22.12 -18.30 17.58
N ASN A 254 -23.26 -18.56 16.96
CA ASN A 254 -23.27 -19.44 15.79
C ASN A 254 -22.61 -18.74 14.60
N ARG A 255 -21.85 -19.52 13.84
CA ARG A 255 -21.05 -19.04 12.71
C ARG A 255 -21.32 -19.94 11.53
N PRO A 256 -20.75 -19.63 10.36
CA PRO A 256 -20.88 -20.57 9.23
C PRO A 256 -20.08 -21.84 9.51
N ASP A 257 -20.43 -22.87 8.75
CA ASP A 257 -19.99 -24.23 9.03
C ASP A 257 -18.55 -24.42 8.54
N VAL A 258 -17.58 -24.47 9.46
CA VAL A 258 -16.18 -24.77 9.08
C VAL A 258 -16.04 -26.18 8.47
N ASP A 259 -16.98 -27.08 8.75
CA ASP A 259 -16.97 -28.38 8.08
C ASP A 259 -17.38 -28.24 6.61
N ASP A 260 -18.35 -27.36 6.33
CA ASP A 260 -18.90 -27.15 4.99
C ASP A 260 -17.82 -26.77 3.97
N ILE A 261 -16.61 -26.45 4.43
CA ILE A 261 -15.47 -26.17 3.55
C ILE A 261 -15.01 -27.50 2.95
N THR A 262 -15.35 -27.73 1.66
CA THR A 262 -15.01 -28.98 0.96
C THR A 262 -13.64 -28.92 0.24
N GLU A 263 -13.28 -27.79 -0.38
CA GLU A 263 -11.90 -27.57 -0.76
C GLU A 263 -11.01 -27.70 0.47
N TYR A 264 -9.74 -28.03 0.24
CA TYR A 264 -8.77 -27.85 1.29
C TYR A 264 -8.69 -26.37 1.66
N CYS A 265 -8.71 -26.09 2.97
CA CYS A 265 -8.42 -24.75 3.49
C CYS A 265 -7.37 -24.89 4.57
N PRO A 266 -6.18 -24.30 4.42
CA PRO A 266 -5.13 -24.49 5.42
C PRO A 266 -5.61 -24.21 6.84
N ARG A 267 -5.09 -24.99 7.80
CA ARG A 267 -5.46 -24.84 9.20
C ARG A 267 -5.44 -23.38 9.64
N GLU A 268 -4.31 -22.74 9.40
CA GLU A 268 -4.07 -21.42 9.96
C GLU A 268 -5.00 -20.37 9.35
N ILE A 269 -5.54 -20.62 8.17
CA ILE A 269 -6.57 -19.72 7.64
C ILE A 269 -7.92 -19.98 8.31
N ILE A 270 -8.23 -21.25 8.64
CA ILE A 270 -9.43 -21.55 9.40
C ILE A 270 -9.34 -20.94 10.81
N SER A 271 -8.13 -20.91 11.38
CA SER A 271 -7.98 -20.33 12.70
C SER A 271 -8.12 -18.82 12.65
N LEU A 272 -7.52 -18.19 11.63
CA LEU A 272 -7.71 -16.77 11.36
C LEU A 272 -9.20 -16.40 11.28
N MET A 273 -9.97 -17.13 10.47
CA MET A 273 -11.36 -16.76 10.34
C MET A 273 -12.12 -16.94 11.65
N LYS A 274 -11.76 -17.95 12.45
CA LYS A 274 -12.39 -18.07 13.77
C LYS A 274 -11.97 -16.92 14.65
N LEU A 275 -10.73 -16.45 14.50
CA LEU A 275 -10.27 -15.33 15.32
C LEU A 275 -10.96 -14.03 14.91
N CYS A 276 -11.16 -13.84 13.62
CA CYS A 276 -11.79 -12.61 13.16
C CYS A 276 -13.28 -12.57 13.42
N TRP A 277 -13.95 -13.69 13.64
CA TRP A 277 -15.38 -13.60 13.89
C TRP A 277 -15.73 -13.87 15.37
N GLU A 278 -14.78 -13.70 16.30
CA GLU A 278 -15.11 -13.73 17.71
C GLU A 278 -16.24 -12.76 18.04
N ALA A 279 -17.16 -13.20 18.90
CA ALA A 279 -18.32 -12.37 19.25
C ALA A 279 -17.89 -11.01 19.84
N ASN A 280 -16.82 -10.97 20.63
CA ASN A 280 -16.42 -9.73 21.27
C ASN A 280 -15.57 -8.90 20.33
N PRO A 281 -16.04 -7.73 19.86
CA PRO A 281 -15.23 -6.94 18.91
C PRO A 281 -13.85 -6.56 19.44
N GLU A 282 -13.71 -6.31 20.74
CA GLU A 282 -12.39 -6.00 21.29
C GLU A 282 -11.40 -7.16 21.10
N ALA A 283 -11.87 -8.36 20.74
CA ALA A 283 -11.01 -9.53 20.58
C ALA A 283 -10.68 -9.83 19.11
N ARG A 284 -11.17 -9.06 18.18
CA ARG A 284 -10.79 -9.25 16.80
C ARG A 284 -9.56 -8.39 16.47
N PRO A 285 -8.74 -8.79 15.51
CA PRO A 285 -7.53 -8.01 15.22
C PRO A 285 -7.81 -6.83 14.29
N THR A 286 -6.86 -5.89 14.25
CA THR A 286 -6.92 -4.87 13.22
C THR A 286 -6.52 -5.47 11.87
N PHE A 287 -6.91 -4.79 10.78
CA PHE A 287 -6.44 -5.28 9.49
C PHE A 287 -4.94 -5.13 9.35
N PRO A 288 -4.31 -4.04 9.82
CA PRO A 288 -2.84 -4.07 9.98
C PRO A 288 -2.32 -5.31 10.70
N GLY A 289 -3.02 -5.80 11.72
CA GLY A 289 -2.56 -6.97 12.44
C GLY A 289 -2.78 -8.26 11.67
N ILE A 290 -3.90 -8.37 10.96
CA ILE A 290 -4.10 -9.50 10.05
C ILE A 290 -2.95 -9.59 9.05
N GLU A 291 -2.60 -8.47 8.41
CA GLU A 291 -1.60 -8.51 7.35
C GLU A 291 -0.25 -8.96 7.86
N GLU A 292 0.15 -8.47 9.01
CA GLU A 292 1.43 -8.79 9.64
C GLU A 292 1.55 -10.28 10.00
N LYS A 293 0.44 -11.03 9.99
CA LYS A 293 0.38 -12.48 10.15
C LYS A 293 0.24 -13.21 8.83
N PHE A 294 -0.57 -12.69 7.92
CA PHE A 294 -0.97 -13.44 6.74
C PHE A 294 -0.02 -13.23 5.58
N ARG A 295 0.57 -12.03 5.43
CA ARG A 295 1.52 -11.82 4.34
C ARG A 295 2.73 -12.74 4.46
N PRO A 296 3.40 -12.85 5.62
CA PRO A 296 4.43 -13.89 5.74
C PRO A 296 3.89 -15.28 5.43
N PHE A 297 2.73 -15.63 5.97
CA PHE A 297 2.17 -16.96 5.70
C PHE A 297 1.93 -17.15 4.21
N TYR A 298 1.46 -16.12 3.53
CA TYR A 298 1.24 -16.25 2.09
C TYR A 298 2.56 -16.37 1.35
N LEU A 299 3.52 -15.50 1.67
CA LEU A 299 4.80 -15.53 0.97
C LEU A 299 5.50 -16.87 1.13
N SER A 300 5.46 -17.43 2.33
CA SER A 300 6.28 -18.61 2.60
C SER A 300 5.52 -19.93 2.45
N GLN A 301 4.21 -19.90 2.16
CA GLN A 301 3.42 -21.13 2.06
CA GLN A 301 3.47 -21.15 2.03
C GLN A 301 2.59 -21.25 0.79
N LEU A 302 2.26 -20.14 0.12
CA LEU A 302 1.37 -20.23 -1.03
C LEU A 302 1.78 -19.43 -2.25
N GLU A 303 2.81 -18.59 -2.17
CA GLU A 303 3.33 -17.90 -3.35
C GLU A 303 4.71 -18.48 -3.65
N LEU B 16 1.53 5.61 18.47
CA LEU B 16 2.24 4.36 18.72
C LEU B 16 2.60 4.22 20.21
N ASN B 17 3.31 3.14 20.54
CA ASN B 17 4.27 3.12 21.63
C ASN B 17 5.38 2.14 21.27
N VAL B 18 6.62 2.63 21.35
CA VAL B 18 7.79 1.88 20.93
C VAL B 18 8.03 0.68 21.84
N ILE B 19 8.69 -0.34 21.30
CA ILE B 19 9.25 -1.39 22.13
C ILE B 19 10.68 -1.01 22.47
N LYS B 20 11.02 -1.09 23.75
CA LYS B 20 12.34 -0.72 24.25
C LYS B 20 13.14 -2.00 24.48
N MET B 21 14.33 -2.05 23.90
CA MET B 21 15.20 -3.21 23.99
C MET B 21 16.47 -2.85 24.74
N LYS B 22 17.14 -3.89 25.25
CA LYS B 22 18.34 -3.79 26.07
C LYS B 22 19.56 -4.22 25.25
N SER B 23 20.71 -3.60 25.49
CA SER B 23 21.93 -4.07 24.85
C SER B 23 22.23 -5.51 25.25
N SER B 24 21.90 -5.89 26.47
CA SER B 24 22.02 -7.27 26.90
C SER B 24 20.97 -8.19 26.27
N ASP B 25 20.05 -7.66 25.45
CA ASP B 25 19.13 -8.52 24.69
C ASP B 25 19.78 -9.11 23.45
N PHE B 26 20.99 -8.66 23.10
CA PHE B 26 21.69 -9.13 21.92
C PHE B 26 22.95 -9.86 22.34
N LEU B 27 23.31 -10.88 21.56
CA LEU B 27 24.39 -11.81 21.93
C LEU B 27 25.73 -11.33 21.43
N GLU B 28 25.83 -11.13 20.11
CA GLU B 28 26.95 -10.45 19.48
C GLU B 28 26.38 -9.68 18.30
N SER B 29 27.21 -8.87 17.64
CA SER B 29 26.73 -8.08 16.50
C SER B 29 27.91 -7.62 15.64
N ALA B 30 27.94 -8.08 14.39
CA ALA B 30 28.98 -7.68 13.45
C ALA B 30 28.51 -6.47 12.65
N GLU B 31 29.43 -5.56 12.36
CA GLU B 31 29.13 -4.38 11.58
C GLU B 31 29.13 -4.74 10.10
N LEU B 32 28.41 -3.96 9.29
CA LEU B 32 28.36 -4.29 7.86
C LEU B 32 28.40 -3.01 7.02
N ASP B 33 28.15 -3.19 5.71
CA ASP B 33 28.53 -2.26 4.65
C ASP B 33 27.55 -1.11 4.45
N SER B 34 26.26 -1.41 4.49
CA SER B 34 25.21 -0.56 3.92
C SER B 34 24.98 0.69 4.78
N GLY B 35 24.22 1.64 4.21
CA GLY B 35 23.57 2.70 4.96
C GLY B 35 24.42 3.89 5.41
N GLY B 36 25.74 3.75 5.49
CA GLY B 36 26.60 4.83 5.95
C GLY B 36 26.42 5.18 7.41
N LYS B 39 27.33 3.31 11.20
CA LYS B 39 27.64 2.06 11.88
C LYS B 39 26.40 1.20 12.06
N VAL B 40 25.93 0.61 10.92
CA VAL B 40 24.84 -0.38 10.89
C VAL B 40 25.43 -1.75 11.16
N SER B 41 24.75 -2.55 11.98
CA SER B 41 25.26 -3.85 12.40
C SER B 41 24.15 -4.89 12.32
N LEU B 42 24.51 -6.08 11.85
CA LEU B 42 23.64 -7.23 12.02
C LEU B 42 23.76 -7.70 13.47
N ALA B 43 22.64 -8.03 14.10
CA ALA B 43 22.63 -8.33 15.52
C ALA B 43 21.70 -9.49 15.81
N PHE B 44 22.06 -10.33 16.79
CA PHE B 44 21.23 -11.49 17.12
C PHE B 44 20.62 -11.33 18.51
N HIS B 45 19.31 -11.30 18.55
CA HIS B 45 18.52 -11.16 19.77
C HIS B 45 18.10 -12.54 20.26
N ARG B 46 18.10 -12.72 21.58
CA ARG B 46 18.05 -14.08 22.15
C ARG B 46 16.80 -14.83 21.75
N THR B 47 15.65 -14.19 21.75
CA THR B 47 14.42 -14.89 21.47
C THR B 47 13.71 -14.44 20.20
N GLN B 48 14.14 -13.32 19.59
CA GLN B 48 13.49 -12.74 18.43
C GLN B 48 14.25 -12.96 17.13
N GLY B 49 15.39 -13.64 17.15
CA GLY B 49 16.12 -13.92 15.93
C GLY B 49 16.99 -12.77 15.46
N LEU B 50 17.08 -12.57 14.15
CA LEU B 50 18.09 -11.72 13.54
C LEU B 50 17.49 -10.36 13.16
N MET B 51 18.29 -9.29 13.30
CA MET B 51 17.83 -7.91 13.11
C MET B 51 18.99 -7.02 12.70
N ILE B 52 18.63 -5.88 12.14
CA ILE B 52 19.58 -4.85 11.77
C ILE B 52 19.50 -3.74 12.82
N MET B 53 20.65 -3.32 13.32
CA MET B 53 20.75 -2.37 14.42
C MET B 53 21.58 -1.18 13.97
N LYS B 54 20.92 -0.04 13.73
CA LYS B 54 21.67 1.17 13.45
C LYS B 54 21.93 1.89 14.77
N THR B 55 23.21 2.03 15.11
CA THR B 55 23.65 2.69 16.33
C THR B 55 24.11 4.10 15.97
N VAL B 56 23.42 5.10 16.52
CA VAL B 56 23.53 6.50 16.08
C VAL B 56 24.55 7.28 16.90
N TYR B 57 24.68 6.94 18.17
CA TYR B 57 25.56 7.65 19.08
C TYR B 57 25.95 6.70 20.22
N LYS B 58 27.25 6.54 20.44
CA LYS B 58 27.76 5.99 21.71
C LYS B 58 28.88 6.91 22.18
N GLY B 59 28.94 7.10 23.48
CA GLY B 59 29.88 8.06 24.06
C GLY B 59 29.42 8.55 25.42
N PRO B 60 29.87 9.74 25.82
CA PRO B 60 29.43 10.27 27.11
C PRO B 60 27.91 10.37 27.15
N ASN B 61 27.31 10.00 28.28
CA ASN B 61 25.91 10.34 28.48
C ASN B 61 25.82 11.83 28.79
N CYS B 62 26.15 12.64 27.79
CA CYS B 62 26.28 14.08 28.01
C CYS B 62 24.95 14.67 28.44
N ILE B 63 23.93 14.55 27.61
CA ILE B 63 22.66 15.21 27.84
C ILE B 63 21.53 14.30 27.38
N GLU B 64 20.30 14.72 27.72
CA GLU B 64 19.09 14.00 27.39
C GLU B 64 18.21 14.91 26.54
N HIS B 65 18.15 14.63 25.23
CA HIS B 65 17.11 15.14 24.34
C HIS B 65 16.06 14.07 24.09
N ASN B 66 15.81 13.24 25.11
CA ASN B 66 15.07 11.98 24.96
C ASN B 66 13.64 12.20 24.48
N GLU B 67 12.95 13.16 25.09
CA GLU B 67 11.56 13.46 24.76
C GLU B 67 11.32 13.49 23.24
N ALA B 68 12.06 14.35 22.55
CA ALA B 68 11.97 14.43 21.09
C ALA B 68 12.27 13.08 20.43
N LEU B 69 13.43 12.49 20.78
CA LEU B 69 13.90 11.26 20.14
C LEU B 69 12.94 10.11 20.37
N LEU B 70 12.43 9.98 21.59
CA LEU B 70 11.52 8.89 21.85
C LEU B 70 10.18 9.10 21.16
N GLU B 71 9.81 10.35 20.86
CA GLU B 71 8.54 10.59 20.19
C GLU B 71 8.68 10.42 18.68
N GLU B 72 9.83 10.79 18.11
CA GLU B 72 10.09 10.42 16.72
C GLU B 72 10.11 8.91 16.55
N ALA B 73 10.61 8.19 17.55
CA ALA B 73 10.61 6.74 17.47
C ALA B 73 9.19 6.22 17.28
N LYS B 74 8.25 6.71 18.08
CA LYS B 74 6.88 6.26 17.89
C LYS B 74 6.26 6.85 16.64
N MET B 75 6.78 7.97 16.15
CA MET B 75 6.44 8.39 14.79
C MET B 75 6.86 7.31 13.81
N MET B 76 8.09 6.83 13.93
CA MET B 76 8.58 5.75 13.08
C MET B 76 7.71 4.51 13.20
N ASN B 77 7.26 4.19 14.42
CA ASN B 77 6.51 2.97 14.63
C ASN B 77 5.14 3.00 13.95
N ARG B 78 4.59 4.18 13.70
CA ARG B 78 3.33 4.27 12.96
C ARG B 78 3.50 4.12 11.45
N LEU B 79 4.72 3.98 10.98
CA LEU B 79 5.00 3.77 9.56
C LEU B 79 5.05 2.27 9.32
N ARG B 80 3.88 1.71 9.03
CA ARG B 80 3.70 0.27 8.98
C ARG B 80 3.10 -0.06 7.63
N HIS B 81 3.81 -0.84 6.83
CA HIS B 81 3.43 -1.13 5.45
C HIS B 81 4.35 -2.22 4.91
N SER B 82 3.82 -3.05 4.00
CA SER B 82 4.62 -4.18 3.51
C SER B 82 5.87 -3.74 2.79
N ARG B 83 5.93 -2.48 2.33
CA ARG B 83 7.05 -2.03 1.52
C ARG B 83 7.93 -1.01 2.24
N VAL B 84 7.72 -0.79 3.54
CA VAL B 84 8.64 0.04 4.34
C VAL B 84 9.22 -0.84 5.44
N VAL B 85 10.48 -0.57 5.77
CA VAL B 85 11.15 -1.34 6.81
C VAL B 85 10.48 -1.06 8.14
N LYS B 86 10.08 -2.12 8.83
CA LYS B 86 9.48 -1.97 10.14
C LYS B 86 10.58 -1.61 11.13
N LEU B 87 10.31 -0.59 11.94
CA LEU B 87 11.15 -0.35 13.11
C LEU B 87 10.69 -1.29 14.21
N LEU B 88 11.62 -2.07 14.74
CA LEU B 88 11.29 -3.13 15.69
C LEU B 88 11.45 -2.68 17.14
N GLY B 89 12.45 -1.87 17.43
CA GLY B 89 12.66 -1.47 18.81
C GLY B 89 13.69 -0.38 18.87
N VAL B 90 13.93 0.11 20.09
CA VAL B 90 14.90 1.16 20.30
C VAL B 90 15.83 0.78 21.43
N ILE B 91 17.04 1.29 21.35
CA ILE B 91 18.00 1.19 22.43
C ILE B 91 18.28 2.61 22.89
N ILE B 92 17.72 2.97 24.04
CA ILE B 92 18.03 4.20 24.75
C ILE B 92 18.62 3.78 26.09
N GLU B 93 19.95 3.87 26.21
CA GLU B 93 20.68 3.64 27.45
C GLU B 93 21.64 4.81 27.57
N GLU B 94 22.25 4.94 28.73
CA GLU B 94 23.08 6.12 28.90
C GLU B 94 24.41 5.86 28.21
N GLY B 95 24.69 6.67 27.19
CA GLY B 95 25.79 6.48 26.28
C GLY B 95 25.52 5.57 25.10
N LYS B 96 24.24 5.33 24.77
CA LYS B 96 23.88 4.33 23.75
C LYS B 96 22.52 4.69 23.16
N TYR B 97 22.50 5.02 21.86
CA TYR B 97 21.29 5.42 21.15
C TYR B 97 21.22 4.61 19.86
N SER B 98 20.23 3.70 19.76
CA SER B 98 20.17 2.81 18.61
C SER B 98 18.76 2.59 18.15
N LEU B 99 18.61 2.43 16.85
CA LEU B 99 17.38 1.99 16.23
C LEU B 99 17.54 0.53 15.80
N VAL B 100 16.52 -0.26 16.05
CA VAL B 100 16.54 -1.70 15.75
C VAL B 100 15.55 -1.95 14.63
N MET B 101 16.01 -2.68 13.62
CA MET B 101 15.32 -2.74 12.35
C MET B 101 15.15 -4.17 11.90
N GLU B 102 14.13 -4.43 11.08
CA GLU B 102 13.98 -5.79 10.57
C GLU B 102 15.07 -6.09 9.54
N TYR B 103 15.35 -7.38 9.38
CA TYR B 103 16.52 -7.84 8.65
C TYR B 103 16.12 -8.25 7.25
N MET B 104 16.77 -7.64 6.25
CA MET B 104 16.59 -7.95 4.83
C MET B 104 17.85 -8.68 4.37
N GLU B 105 17.72 -9.98 4.13
CA GLU B 105 18.88 -10.88 4.06
C GLU B 105 19.82 -10.54 2.91
N LYS B 106 19.30 -9.98 1.81
CA LYS B 106 20.07 -9.74 0.59
C LYS B 106 20.60 -8.30 0.49
N GLY B 107 20.42 -7.49 1.54
CA GLY B 107 21.04 -6.18 1.56
C GLY B 107 20.26 -5.19 0.71
N ASN B 108 20.97 -4.16 0.23
CA ASN B 108 20.28 -3.10 -0.46
C ASN B 108 20.18 -3.37 -1.97
N LEU B 109 19.44 -2.50 -2.65
CA LEU B 109 19.14 -2.75 -4.06
C LEU B 109 20.40 -2.69 -4.93
N MET B 110 21.32 -1.77 -4.63
CA MET B 110 22.51 -1.71 -5.47
C MET B 110 23.32 -2.99 -5.32
N HIS B 111 23.49 -3.45 -4.09
CA HIS B 111 24.18 -4.70 -3.84
C HIS B 111 23.60 -5.86 -4.66
N VAL B 112 22.27 -5.95 -4.76
CA VAL B 112 21.69 -7.02 -5.55
C VAL B 112 21.88 -6.79 -7.06
N LEU B 113 21.88 -5.52 -7.51
CA LEU B 113 21.98 -5.25 -8.95
C LEU B 113 23.35 -5.63 -9.51
N LYS B 114 24.39 -5.39 -8.73
CA LYS B 114 25.75 -5.74 -9.10
C LYS B 114 26.08 -7.22 -8.84
N ALA B 115 25.06 -8.06 -8.62
CA ALA B 115 25.23 -9.49 -8.35
C ALA B 115 25.51 -10.26 -9.63
N GLU B 116 26.17 -11.43 -9.45
CA GLU B 116 26.67 -12.20 -10.58
C GLU B 116 25.54 -12.73 -11.45
N MET B 117 24.42 -13.11 -10.84
CA MET B 117 23.22 -13.42 -11.60
C MET B 117 22.59 -12.10 -12.04
N SER B 118 22.41 -11.93 -13.34
CA SER B 118 21.61 -10.80 -13.82
C SER B 118 20.17 -11.04 -13.39
N THR B 119 19.52 -9.98 -12.98
CA THR B 119 18.17 -10.19 -12.47
C THR B 119 17.18 -10.23 -13.63
N PRO B 120 16.22 -11.15 -13.62
CA PRO B 120 15.26 -11.23 -14.73
C PRO B 120 14.37 -10.01 -14.82
N LEU B 121 13.97 -9.67 -16.05
CA LEU B 121 13.11 -8.50 -16.26
C LEU B 121 11.80 -8.60 -15.47
N SER B 122 11.30 -9.81 -15.19
CA SER B 122 10.04 -9.92 -14.45
C SER B 122 10.23 -9.50 -13.01
N VAL B 123 11.40 -9.79 -12.44
CA VAL B 123 11.68 -9.38 -11.07
C VAL B 123 11.95 -7.89 -10.99
N LYS B 124 12.76 -7.37 -11.92
CA LYS B 124 13.01 -5.93 -11.98
C LYS B 124 11.70 -5.15 -12.04
N GLY B 125 10.74 -5.66 -12.81
CA GLY B 125 9.48 -4.96 -12.94
C GLY B 125 8.74 -4.90 -11.62
N ARG B 126 8.62 -6.07 -10.97
CA ARG B 126 7.92 -6.16 -9.69
C ARG B 126 8.61 -5.35 -8.61
N ILE B 127 9.95 -5.21 -8.70
CA ILE B 127 10.70 -4.37 -7.78
C ILE B 127 10.28 -2.92 -7.94
N ILE B 128 10.10 -2.48 -9.18
CA ILE B 128 9.75 -1.08 -9.41
C ILE B 128 8.36 -0.81 -8.88
N LEU B 129 7.45 -1.74 -9.12
CA LEU B 129 6.09 -1.53 -8.66
C LEU B 129 6.03 -1.43 -7.13
N GLU B 130 6.84 -2.25 -6.43
CA GLU B 130 6.87 -2.24 -4.96
C GLU B 130 7.43 -0.92 -4.42
N ILE B 131 8.49 -0.40 -5.04
CA ILE B 131 8.97 0.92 -4.67
C ILE B 131 7.84 1.94 -4.83
N ILE B 132 7.14 1.90 -5.97
CA ILE B 132 6.03 2.81 -6.24
C ILE B 132 4.98 2.71 -5.13
N GLU B 133 4.64 1.48 -4.73
CA GLU B 133 3.68 1.27 -3.65
C GLU B 133 4.22 1.86 -2.36
N GLY B 134 5.49 1.59 -2.05
CA GLY B 134 6.07 2.15 -0.84
C GLY B 134 5.99 3.65 -0.80
N MET B 135 6.39 4.31 -1.89
CA MET B 135 6.31 5.78 -1.95
C MET B 135 4.87 6.28 -1.89
N ALA B 136 3.95 5.62 -2.63
CA ALA B 136 2.53 5.95 -2.50
C ALA B 136 2.10 5.90 -1.04
N TYR B 137 2.58 4.90 -0.30
CA TYR B 137 2.24 4.84 1.11
C TYR B 137 2.81 6.02 1.87
N LEU B 138 4.13 6.25 1.77
CA LEU B 138 4.75 7.28 2.59
C LEU B 138 4.18 8.65 2.28
N HIS B 139 3.99 8.96 0.99
CA HIS B 139 3.39 10.24 0.69
C HIS B 139 1.97 10.32 1.26
N GLY B 140 1.15 9.30 0.99
CA GLY B 140 -0.21 9.28 1.52
C GLY B 140 -0.29 9.57 3.01
N LYS B 141 0.72 9.17 3.78
CA LYS B 141 0.82 9.50 5.20
C LYS B 141 1.56 10.81 5.45
N GLY B 142 1.76 11.62 4.40
CA GLY B 142 2.41 12.90 4.54
C GLY B 142 3.90 12.89 4.85
N VAL B 143 4.58 11.74 4.72
CA VAL B 143 6.04 11.68 4.82
C VAL B 143 6.63 11.94 3.45
N ILE B 144 7.70 12.75 3.39
CA ILE B 144 8.52 12.87 2.19
C ILE B 144 9.90 12.32 2.49
N HIS B 145 10.37 11.41 1.63
CA HIS B 145 11.57 10.63 1.95
C HIS B 145 12.79 11.53 2.07
N LYS B 146 13.06 12.33 1.03
CA LYS B 146 14.13 13.30 0.88
C LYS B 146 15.50 12.65 0.65
N ASP B 147 15.61 11.33 0.71
CA ASP B 147 16.86 10.62 0.51
C ASP B 147 16.63 9.32 -0.26
N LEU B 148 15.71 9.34 -1.22
CA LEU B 148 15.47 8.10 -1.95
C LEU B 148 16.65 7.81 -2.87
N LYS B 149 17.11 6.55 -2.86
CA LYS B 149 18.28 6.09 -3.61
C LYS B 149 18.43 4.58 -3.36
N PRO B 150 19.23 3.86 -4.16
CA PRO B 150 19.21 2.40 -4.07
C PRO B 150 19.77 1.83 -2.77
N GLU B 151 20.55 2.57 -2.01
CA GLU B 151 20.99 1.92 -0.78
C GLU B 151 19.95 2.04 0.32
N ASN B 152 18.83 2.71 0.06
CA ASN B 152 17.68 2.78 0.95
C ASN B 152 16.58 1.79 0.56
N ILE B 153 16.75 1.04 -0.52
CA ILE B 153 15.80 0.02 -0.93
C ILE B 153 16.35 -1.33 -0.50
N LEU B 154 15.85 -1.85 0.61
CA LEU B 154 16.31 -3.13 1.14
C LEU B 154 15.53 -4.28 0.52
N VAL B 155 16.20 -5.44 0.42
CA VAL B 155 15.71 -6.58 -0.36
C VAL B 155 15.77 -7.82 0.51
N ASP B 156 14.72 -8.63 0.50
CA ASP B 156 14.81 -9.94 1.15
C ASP B 156 15.08 -11.05 0.12
N ASN B 157 15.16 -12.29 0.61
CA ASN B 157 15.51 -13.39 -0.28
C ASN B 157 14.44 -13.66 -1.34
N ASP B 158 13.20 -13.19 -1.16
CA ASP B 158 12.20 -13.33 -2.20
C ASP B 158 12.24 -12.17 -3.21
N PHE B 159 13.33 -11.38 -3.19
CA PHE B 159 13.46 -10.12 -3.94
C PHE B 159 12.26 -9.19 -3.76
N HIS B 160 11.56 -9.29 -2.64
CA HIS B 160 10.66 -8.22 -2.25
C HIS B 160 11.45 -7.15 -1.53
N ILE B 161 10.99 -5.90 -1.65
CA ILE B 161 11.77 -4.79 -1.13
C ILE B 161 10.97 -4.01 -0.11
N LYS B 162 11.72 -3.26 0.71
CA LYS B 162 11.18 -2.37 1.72
C LYS B 162 12.02 -1.11 1.72
N ILE B 163 11.38 0.06 1.68
CA ILE B 163 12.11 1.32 1.66
C ILE B 163 12.54 1.65 3.07
N ALA B 164 13.73 2.24 3.21
CA ALA B 164 14.25 2.71 4.49
C ALA B 164 14.74 4.13 4.32
N ASP B 165 14.90 4.84 5.45
CA ASP B 165 15.53 6.16 5.47
C ASP B 165 16.73 6.07 6.43
N LEU B 166 17.85 5.56 5.92
CA LEU B 166 18.96 5.19 6.80
C LEU B 166 19.86 6.38 7.14
N GLY B 167 19.74 7.48 6.41
CA GLY B 167 20.41 8.71 6.76
C GLY B 167 19.62 9.57 7.71
N LEU B 168 18.46 9.07 8.13
CA LEU B 168 17.58 9.76 9.08
C LEU B 168 17.15 11.13 8.54
N ALA B 169 16.90 11.21 7.23
CA ALA B 169 16.53 12.48 6.63
C ALA B 169 15.27 13.07 7.26
N SER B 170 14.24 12.25 7.47
CA SER B 170 12.92 12.77 7.80
C SER B 170 12.66 12.86 9.29
N PHE B 171 13.61 12.46 10.12
CA PHE B 171 13.45 12.45 11.57
C PHE B 171 14.48 13.42 12.16
N LYS B 172 14.07 14.69 12.29
CA LYS B 172 15.01 15.77 12.51
C LYS B 172 15.82 15.57 13.78
N MET B 173 15.18 15.05 14.84
CA MET B 173 15.85 14.99 16.13
C MET B 173 16.90 13.88 16.19
N TRP B 174 16.66 12.73 15.54
CA TRP B 174 17.68 11.67 15.54
C TRP B 174 18.88 12.00 14.64
N SER B 175 18.68 12.80 13.59
CA SER B 175 19.77 13.15 12.68
C SER B 175 20.84 13.98 13.37
N LYS B 176 20.43 14.88 14.27
CA LYS B 176 21.37 15.80 14.92
C LYS B 176 22.26 15.08 15.92
N LEU B 177 21.70 14.08 16.60
CA LEU B 177 22.46 13.20 17.48
C LEU B 177 23.59 12.52 16.71
N ASN B 178 23.33 12.19 15.44
CA ASN B 178 24.35 11.61 14.57
C ASN B 178 25.55 12.53 14.40
N ASN B 179 25.39 13.84 14.64
CA ASN B 179 26.42 14.85 14.45
C ASN B 179 26.92 15.48 15.75
N GLU B 180 26.60 14.90 16.92
CA GLU B 180 26.98 15.51 18.20
C GLU B 180 28.49 15.74 18.28
N GLU B 181 28.88 16.91 18.81
CA GLU B 181 30.29 17.14 19.11
C GLU B 181 30.84 16.06 20.03
N HIS B 182 30.03 15.65 21.01
CA HIS B 182 30.43 14.64 21.96
C HIS B 182 30.49 13.24 21.35
N ASN B 183 30.38 13.07 20.03
CA ASN B 183 30.02 11.75 19.51
C ASN B 183 31.25 10.98 19.07
N GLU B 184 31.25 9.67 19.38
CA GLU B 184 32.36 8.78 18.99
C GLU B 184 32.24 8.29 17.54
N LEU B 185 31.30 8.83 16.76
CA LEU B 185 31.00 8.29 15.44
C LEU B 185 30.74 9.39 14.38
N THR B 198 25.16 10.29 -2.99
CA THR B 198 23.74 10.63 -2.72
C THR B 198 23.23 11.80 -3.57
N LEU B 199 24.18 12.63 -4.01
CA LEU B 199 23.85 13.72 -4.90
C LEU B 199 23.27 13.20 -6.21
N TYR B 200 23.60 11.95 -6.57
CA TYR B 200 23.18 11.39 -7.84
C TYR B 200 21.66 11.29 -7.97
N TYR B 201 20.92 11.42 -6.87
CA TYR B 201 19.48 11.31 -6.99
C TYR B 201 18.78 12.54 -6.48
N MET B 202 19.50 13.52 -5.93
CA MET B 202 18.88 14.79 -5.57
C MET B 202 18.34 15.47 -6.82
N ALA B 203 17.09 15.90 -6.76
CA ALA B 203 16.50 16.65 -7.85
C ALA B 203 17.33 17.92 -8.06
N PRO B 204 17.39 18.41 -9.30
CA PRO B 204 18.25 19.58 -9.59
C PRO B 204 17.94 20.80 -8.73
N GLU B 205 16.66 21.04 -8.45
CA GLU B 205 16.25 22.19 -7.65
C GLU B 205 16.75 22.15 -6.20
N HIS B 206 17.35 21.06 -5.74
CA HIS B 206 17.89 20.99 -4.38
C HIS B 206 19.42 21.02 -4.36
N LEU B 207 20.07 21.18 -5.52
CA LEU B 207 21.53 21.16 -5.62
C LEU B 207 22.08 22.57 -5.42
N ASN B 208 22.76 22.78 -4.29
CA ASN B 208 23.43 24.03 -3.88
C ASN B 208 22.51 25.10 -3.25
N ASP B 209 21.31 24.77 -2.76
CA ASP B 209 20.57 25.69 -1.88
C ASP B 209 19.98 24.90 -0.70
N VAL B 210 20.78 24.74 0.36
CA VAL B 210 20.52 23.79 1.44
C VAL B 210 19.14 23.98 2.07
N ASN B 211 18.58 25.19 1.99
CA ASN B 211 17.23 25.47 2.48
C ASN B 211 16.26 25.52 1.30
N ALA B 212 15.74 24.36 0.90
CA ALA B 212 14.71 24.26 -0.13
C ALA B 212 13.70 23.19 0.27
N LYS B 213 12.42 23.54 0.23
CA LYS B 213 11.36 22.66 0.71
C LYS B 213 11.27 21.44 -0.20
N PRO B 214 11.65 20.25 0.24
CA PRO B 214 11.52 19.07 -0.61
C PRO B 214 10.04 18.75 -0.79
N THR B 215 9.66 18.40 -2.01
CA THR B 215 8.27 18.12 -2.32
C THR B 215 8.12 16.67 -2.80
N GLU B 216 6.88 16.19 -2.84
CA GLU B 216 6.65 14.82 -3.27
C GLU B 216 7.32 14.55 -4.61
N LYS B 217 7.55 15.59 -5.39
CA LYS B 217 8.21 15.46 -6.67
C LYS B 217 9.74 15.54 -6.58
N SER B 218 10.28 16.03 -5.46
CA SER B 218 11.70 15.81 -5.18
C SER B 218 12.01 14.32 -5.21
N ASP B 219 11.25 13.54 -4.42
CA ASP B 219 11.40 12.10 -4.40
C ASP B 219 11.00 11.47 -5.72
N VAL B 220 10.15 12.13 -6.51
CA VAL B 220 9.83 11.55 -7.80
C VAL B 220 11.03 11.69 -8.73
N TYR B 221 11.86 12.72 -8.54
CA TYR B 221 13.10 12.80 -9.29
C TYR B 221 14.01 11.65 -8.91
N SER B 222 14.30 11.52 -7.61
CA SER B 222 15.12 10.43 -7.11
C SER B 222 14.67 9.10 -7.69
N PHE B 223 13.37 8.86 -7.70
CA PHE B 223 12.80 7.66 -8.30
C PHE B 223 13.22 7.51 -9.76
N ALA B 224 13.29 8.63 -10.49
CA ALA B 224 13.68 8.55 -11.91
C ALA B 224 15.06 7.91 -12.07
N VAL B 225 16.01 8.31 -11.21
CA VAL B 225 17.36 7.80 -11.34
C VAL B 225 17.45 6.35 -10.89
N VAL B 226 16.76 5.99 -9.80
CA VAL B 226 16.71 4.58 -9.40
C VAL B 226 16.16 3.74 -10.54
N LEU B 227 15.17 4.23 -11.27
CA LEU B 227 14.71 3.52 -12.45
C LEU B 227 15.86 3.18 -13.36
N TRP B 228 16.59 4.20 -13.79
CA TRP B 228 17.78 4.01 -14.61
C TRP B 228 18.71 2.99 -13.97
N ALA B 229 19.11 3.24 -12.71
CA ALA B 229 20.07 2.37 -12.05
C ALA B 229 19.63 0.91 -12.03
N ILE B 230 18.32 0.66 -11.97
CA ILE B 230 17.83 -0.71 -11.94
C ILE B 230 18.13 -1.43 -13.24
N PHE B 231 17.96 -0.75 -14.37
CA PHE B 231 18.24 -1.40 -15.64
C PHE B 231 19.69 -1.31 -16.08
N ALA B 232 20.44 -0.31 -15.63
CA ALA B 232 21.84 -0.21 -15.99
C ALA B 232 22.74 -0.96 -15.01
N ASN B 233 22.19 -1.45 -13.90
CA ASN B 233 22.93 -2.28 -12.94
C ASN B 233 24.19 -1.57 -12.42
N LYS B 234 24.14 -0.24 -12.30
CA LYS B 234 25.25 0.49 -11.72
C LYS B 234 24.79 1.92 -11.42
N GLU B 235 25.61 2.64 -10.66
CA GLU B 235 25.29 4.02 -10.37
C GLU B 235 25.41 4.90 -11.61
N PRO B 236 24.73 6.04 -11.62
CA PRO B 236 24.81 6.92 -12.79
C PRO B 236 26.09 7.73 -12.77
N TYR B 237 26.36 8.35 -13.92
CA TYR B 237 27.36 9.40 -14.05
C TYR B 237 28.79 8.90 -13.76
N GLU B 238 29.17 7.77 -14.37
CA GLU B 238 30.52 7.26 -14.11
C GLU B 238 31.59 8.19 -14.64
N ASN B 239 31.34 8.86 -15.77
CA ASN B 239 32.37 9.70 -16.36
C ASN B 239 32.50 11.07 -15.72
N ALA B 240 31.71 11.36 -14.70
CA ALA B 240 31.91 12.63 -14.02
C ALA B 240 33.30 12.65 -13.38
N ILE B 241 33.93 13.83 -13.40
CA ILE B 241 35.28 14.01 -12.89
C ILE B 241 35.29 14.72 -11.54
N ALA B 242 34.44 15.73 -11.36
CA ALA B 242 34.46 16.54 -10.15
C ALA B 242 33.03 16.86 -9.70
N GLU B 243 32.82 16.94 -8.38
CA GLU B 243 31.46 17.12 -7.87
C GLU B 243 30.85 18.42 -8.36
N GLN B 244 31.63 19.50 -8.45
CA GLN B 244 31.11 20.75 -8.98
CA GLN B 244 31.13 20.76 -8.98
C GLN B 244 30.80 20.64 -10.47
N GLN B 245 31.63 19.91 -11.22
CA GLN B 245 31.23 19.58 -12.59
C GLN B 245 29.88 18.93 -12.60
N LEU B 246 29.67 18.02 -11.64
CA LEU B 246 28.48 17.16 -11.64
C LEU B 246 27.25 17.93 -11.20
N ILE B 247 27.41 18.84 -10.23
CA ILE B 247 26.27 19.60 -9.72
C ILE B 247 25.75 20.57 -10.76
N MET B 248 26.66 21.32 -11.40
CA MET B 248 26.21 22.28 -12.40
C MET B 248 25.65 21.58 -13.63
N ALA B 249 26.17 20.39 -13.97
CA ALA B 249 25.67 19.67 -15.13
C ALA B 249 24.23 19.18 -14.93
N ILE B 250 23.92 18.68 -13.74
CA ILE B 250 22.55 18.25 -13.45
C ILE B 250 21.61 19.45 -13.44
N LYS B 251 22.03 20.57 -12.81
CA LYS B 251 21.19 21.77 -12.79
C LYS B 251 20.88 22.27 -14.20
N SER B 252 21.88 22.30 -15.07
CA SER B 252 21.67 22.77 -16.43
C SER B 252 20.93 21.75 -17.30
N GLY B 253 20.66 20.55 -16.81
CA GLY B 253 19.84 19.65 -17.59
C GLY B 253 20.23 18.19 -17.76
N ASN B 254 21.47 17.79 -17.51
CA ASN B 254 21.84 16.43 -17.88
C ASN B 254 21.42 15.38 -16.85
N ARG B 255 21.35 14.15 -17.33
CA ARG B 255 20.67 13.04 -16.70
C ARG B 255 21.45 11.79 -17.04
N PRO B 256 21.32 10.70 -16.27
CA PRO B 256 22.03 9.46 -16.59
C PRO B 256 21.96 9.08 -18.07
N ASP B 257 23.03 8.48 -18.60
CA ASP B 257 23.10 8.15 -20.02
C ASP B 257 22.16 6.98 -20.33
N VAL B 258 21.18 7.21 -21.20
CA VAL B 258 20.24 6.16 -21.56
C VAL B 258 20.86 5.14 -22.51
N ASP B 259 21.77 5.57 -23.38
CA ASP B 259 22.46 4.63 -24.27
C ASP B 259 23.30 3.64 -23.47
N ASP B 260 23.74 4.04 -22.27
CA ASP B 260 24.56 3.24 -21.35
C ASP B 260 23.75 2.19 -20.60
N ILE B 261 22.50 1.95 -21.00
CA ILE B 261 21.71 0.84 -20.48
C ILE B 261 22.02 -0.35 -21.38
N THR B 262 22.77 -1.32 -20.86
CA THR B 262 23.15 -2.45 -21.72
C THR B 262 22.03 -3.50 -21.85
N GLU B 263 21.20 -3.69 -20.82
CA GLU B 263 20.13 -4.66 -20.92
C GLU B 263 18.98 -4.13 -21.79
N TYR B 264 18.09 -5.04 -22.16
CA TYR B 264 16.75 -4.68 -22.62
C TYR B 264 16.03 -3.90 -21.52
N CYS B 265 15.76 -2.62 -21.77
CA CYS B 265 14.89 -1.79 -20.95
C CYS B 265 13.77 -1.29 -21.86
N PRO B 266 12.52 -1.66 -21.60
CA PRO B 266 11.42 -1.23 -22.47
C PRO B 266 11.32 0.29 -22.57
N ARG B 267 10.81 0.74 -23.71
CA ARG B 267 10.68 2.17 -23.94
C ARG B 267 9.57 2.81 -23.09
N GLU B 268 8.62 2.03 -22.58
CA GLU B 268 7.65 2.61 -21.65
C GLU B 268 8.32 3.05 -20.35
N ILE B 269 9.30 2.27 -19.89
CA ILE B 269 9.97 2.62 -18.65
C ILE B 269 10.96 3.73 -18.89
N ILE B 270 11.65 3.69 -20.03
CA ILE B 270 12.51 4.80 -20.41
C ILE B 270 11.69 6.06 -20.48
N SER B 271 10.50 5.97 -21.09
CA SER B 271 9.62 7.12 -21.16
C SER B 271 9.23 7.59 -19.78
N LEU B 272 8.95 6.64 -18.89
CA LEU B 272 8.56 7.03 -17.54
C LEU B 272 9.69 7.76 -16.81
N MET B 273 10.92 7.27 -16.94
CA MET B 273 12.00 7.87 -16.17
C MET B 273 12.34 9.25 -16.71
N LYS B 274 12.45 9.39 -18.03
CA LYS B 274 12.58 10.72 -18.63
C LYS B 274 11.47 11.65 -18.16
N LEU B 275 10.27 11.10 -17.98
CA LEU B 275 9.17 11.89 -17.44
C LEU B 275 9.37 12.23 -15.97
N CYS B 276 10.09 11.42 -15.20
CA CYS B 276 10.27 11.72 -13.78
C CYS B 276 11.55 12.49 -13.47
N TRP B 277 12.57 12.46 -14.32
CA TRP B 277 13.69 13.37 -14.06
C TRP B 277 13.56 14.68 -14.84
N GLU B 278 12.35 15.01 -15.26
CA GLU B 278 12.05 16.29 -15.91
C GLU B 278 12.57 17.47 -15.08
N ALA B 279 13.09 18.46 -15.79
CA ALA B 279 13.76 19.59 -15.15
C ALA B 279 12.82 20.32 -14.20
N ASN B 280 11.67 20.75 -14.73
CA ASN B 280 10.60 21.44 -13.97
C ASN B 280 9.86 20.49 -13.02
N PRO B 281 9.90 20.71 -11.70
CA PRO B 281 9.17 19.81 -10.78
C PRO B 281 7.74 19.53 -11.18
N GLU B 282 7.03 20.56 -11.65
CA GLU B 282 5.61 20.45 -11.97
C GLU B 282 5.34 19.42 -13.07
N ALA B 283 6.29 19.21 -13.97
CA ALA B 283 6.10 18.28 -15.08
C ALA B 283 6.21 16.82 -14.67
N ARG B 284 6.59 16.54 -13.41
CA ARG B 284 6.79 15.18 -12.93
C ARG B 284 5.48 14.60 -12.43
N PRO B 285 5.15 13.36 -12.73
CA PRO B 285 3.92 12.77 -12.21
C PRO B 285 3.99 12.59 -10.70
N THR B 286 2.89 12.13 -10.13
CA THR B 286 2.82 11.77 -8.72
C THR B 286 2.99 10.27 -8.60
N PHE B 287 3.30 9.80 -7.40
CA PHE B 287 3.43 8.35 -7.28
C PHE B 287 2.11 7.65 -7.55
N PRO B 288 0.97 8.11 -7.05
CA PRO B 288 -0.30 7.54 -7.54
C PRO B 288 -0.47 7.66 -9.03
N GLY B 289 -0.08 8.80 -9.63
CA GLY B 289 -0.09 8.89 -11.08
C GLY B 289 0.73 7.81 -11.75
N ILE B 290 1.95 7.57 -11.26
CA ILE B 290 2.80 6.56 -11.88
C ILE B 290 2.18 5.17 -11.71
N GLU B 291 1.75 4.84 -10.50
CA GLU B 291 1.24 3.49 -10.22
C GLU B 291 0.13 3.10 -11.18
N GLU B 292 -0.81 4.02 -11.42
CA GLU B 292 -1.96 3.70 -12.25
C GLU B 292 -1.57 3.41 -13.69
N LYS B 293 -0.54 4.09 -14.21
CA LYS B 293 -0.09 3.77 -15.56
C LYS B 293 0.88 2.58 -15.53
N PHE B 294 1.70 2.47 -14.47
CA PHE B 294 2.71 1.43 -14.44
C PHE B 294 2.11 0.06 -14.10
N ARG B 295 1.15 0.01 -13.16
CA ARG B 295 0.67 -1.29 -12.70
C ARG B 295 0.04 -2.12 -13.81
N PRO B 296 -0.93 -1.63 -14.59
CA PRO B 296 -1.44 -2.44 -15.70
C PRO B 296 -0.37 -2.86 -16.70
N PHE B 297 0.58 -1.96 -16.98
CA PHE B 297 1.70 -2.30 -17.83
C PHE B 297 2.47 -3.49 -17.26
N TYR B 298 2.82 -3.41 -15.98
CA TYR B 298 3.48 -4.52 -15.32
C TYR B 298 2.70 -5.82 -15.54
N LEU B 299 1.38 -5.77 -15.40
CA LEU B 299 0.61 -7.00 -15.47
C LEU B 299 0.58 -7.54 -16.90
N SER B 300 0.38 -6.67 -17.88
CA SER B 300 0.26 -7.15 -19.24
C SER B 300 1.62 -7.60 -19.77
N GLN B 301 2.57 -6.67 -19.94
CA GLN B 301 3.82 -6.99 -20.63
CA GLN B 301 3.81 -7.00 -20.64
C GLN B 301 4.88 -7.60 -19.73
N LEU B 302 4.64 -7.71 -18.41
CA LEU B 302 5.83 -8.05 -17.60
C LEU B 302 5.69 -9.23 -16.65
N GLU B 303 4.53 -9.45 -16.02
CA GLU B 303 4.51 -10.42 -14.93
C GLU B 303 4.60 -11.86 -15.47
#